data_2ICS
#
_entry.id   2ICS
#
_cell.length_a   62.373
_cell.length_b   141.686
_cell.length_c   47.396
_cell.angle_alpha   90.00
_cell.angle_beta   90.00
_cell.angle_gamma   90.00
#
_symmetry.space_group_name_H-M   'P 21 21 2'
#
loop_
_entity.id
_entity.type
_entity.pdbx_description
1 polymer 'Adenine Deaminase'
2 non-polymer 'ZINC ION'
3 non-polymer ADENINE
4 water water
#
_entity_poly.entity_id   1
_entity_poly.type   'polypeptide(L)'
_entity_poly.pdbx_seq_one_letter_code
;(MSE)SLDYDLLIKNGQTVNG(MSE)PVEIAIKEKKIAAVAATISGSAKETIHLEPGTYVSAGWIDDHVHCFEK(MSE)A
LYYDYPDEIGVKKGVTTVIDAGTTGAENIHEFYDLAQQAKTNVFGLVNISKWGIVAQDELADLSKVQASLVKKAIQELPD
FVVGI(KCX)AR(MSE)SRTVIGDNGITPLELAKQIQQENQEIPL(MSE)VHIGSAPPHLDEILAL(MSE)EKGDVLTHC
FNGKENGILDQATDKIKDFAWQAYNKGVVFDIGHGTDSFNFHVAETALREG(MSE)KAASISTDIYIRNRENGPVYDLAT
T(MSE)EKLRVVGYDWPEIIEKVTKAPAENFHLTQKGTLEIGKDADLTIFTIQAEEKTLTDSNGLTRVAKEQIRPIKTII
GGQIYDNEGHHHHHH
;
_entity_poly.pdbx_strand_id   A
#
# COMPACT_ATOMS: atom_id res chain seq x y z
N ASP A 4 12.63 -6.70 -32.39
CA ASP A 4 13.09 -5.44 -31.74
C ASP A 4 12.28 -5.08 -30.50
N TYR A 5 12.99 -4.74 -29.44
CA TYR A 5 12.40 -4.32 -28.17
C TYR A 5 13.31 -3.22 -27.67
N ASP A 6 12.89 -2.52 -26.62
CA ASP A 6 13.71 -1.48 -26.04
C ASP A 6 14.54 -2.09 -24.92
N LEU A 7 13.90 -2.94 -24.12
CA LEU A 7 14.58 -3.58 -23.00
C LEU A 7 14.23 -5.04 -22.90
N LEU A 8 15.22 -5.84 -22.53
CA LEU A 8 15.02 -7.28 -22.40
C LEU A 8 15.71 -7.74 -21.11
N ILE A 9 14.98 -8.49 -20.29
CA ILE A 9 15.51 -8.97 -19.03
C ILE A 9 15.55 -10.50 -19.07
N LYS A 10 16.75 -11.06 -18.93
CA LYS A 10 16.93 -12.50 -19.01
C LYS A 10 17.40 -13.16 -17.72
N ASN A 11 17.22 -14.48 -17.67
CA ASN A 11 17.63 -15.31 -16.53
C ASN A 11 16.88 -15.06 -15.23
N GLY A 12 15.70 -14.48 -15.33
CA GLY A 12 14.91 -14.22 -14.14
C GLY A 12 14.11 -15.42 -13.69
N GLN A 13 13.53 -15.32 -12.50
CA GLN A 13 12.73 -16.39 -11.94
C GLN A 13 11.68 -15.75 -11.04
N THR A 14 10.45 -16.27 -11.08
CA THR A 14 9.40 -15.72 -10.24
C THR A 14 9.52 -16.36 -8.87
N VAL A 15 8.79 -15.82 -7.90
CA VAL A 15 8.79 -16.32 -6.54
C VAL A 15 8.23 -17.75 -6.48
N ASN A 16 7.55 -18.18 -7.53
CA ASN A 16 6.98 -19.53 -7.59
C ASN A 16 7.99 -20.54 -8.16
N GLY A 17 9.16 -20.05 -8.57
CA GLY A 17 10.20 -20.91 -9.12
C GLY A 17 10.10 -21.08 -10.63
N PRO A 19 10.90 -19.93 -14.48
CA PRO A 19 11.89 -19.19 -15.27
C PRO A 19 11.15 -18.10 -16.02
N VAL A 20 11.69 -16.89 -16.06
CA VAL A 20 11.01 -15.82 -16.76
C VAL A 20 11.95 -14.80 -17.40
N GLU A 21 11.52 -14.27 -18.54
CA GLU A 21 12.26 -13.26 -19.28
C GLU A 21 11.19 -12.26 -19.73
N ILE A 22 11.49 -10.97 -19.63
CA ILE A 22 10.52 -9.95 -20.00
C ILE A 22 11.05 -9.03 -21.10
N ALA A 23 10.20 -8.77 -22.10
CA ALA A 23 10.56 -7.90 -23.21
C ALA A 23 9.77 -6.60 -23.06
N ILE A 24 10.45 -5.47 -23.13
CA ILE A 24 9.82 -4.17 -22.97
C ILE A 24 10.00 -3.22 -24.15
N LYS A 25 8.93 -2.50 -24.49
CA LYS A 25 8.99 -1.52 -25.57
C LYS A 25 7.91 -0.45 -25.35
N GLU A 26 8.32 0.81 -25.41
CA GLU A 26 7.40 1.92 -25.22
C GLU A 26 6.79 1.94 -23.82
N LYS A 27 7.63 1.87 -22.80
CA LYS A 27 7.18 1.87 -21.42
C LYS A 27 6.16 0.77 -21.09
N LYS A 28 5.98 -0.19 -21.99
CA LYS A 28 5.02 -1.26 -21.74
C LYS A 28 5.64 -2.65 -21.88
N ILE A 29 5.01 -3.64 -21.27
CA ILE A 29 5.49 -5.01 -21.35
C ILE A 29 5.05 -5.56 -22.70
N ALA A 30 6.03 -5.94 -23.53
CA ALA A 30 5.74 -6.46 -24.86
C ALA A 30 5.71 -7.98 -24.98
N ALA A 31 6.35 -8.67 -24.03
CA ALA A 31 6.36 -10.13 -24.07
C ALA A 31 6.93 -10.71 -22.77
N VAL A 32 6.41 -11.88 -22.39
CA VAL A 32 6.85 -12.57 -21.19
C VAL A 32 6.86 -14.07 -21.44
N ALA A 33 8.00 -14.71 -21.21
CA ALA A 33 8.13 -16.14 -21.42
C ALA A 33 9.36 -16.66 -20.70
N ALA A 34 9.46 -17.98 -20.59
CA ALA A 34 10.61 -18.59 -19.92
C ALA A 34 11.87 -18.21 -20.69
N THR A 35 11.72 -18.05 -22.00
CA THR A 35 12.84 -17.67 -22.86
C THR A 35 12.36 -16.77 -23.99
N ILE A 36 13.03 -15.65 -24.17
CA ILE A 36 12.69 -14.70 -25.23
C ILE A 36 13.91 -14.42 -26.09
N SER A 37 13.87 -14.88 -27.33
CA SER A 37 14.98 -14.66 -28.24
C SER A 37 14.62 -13.48 -29.14
N GLY A 38 15.22 -12.33 -28.88
CA GLY A 38 14.94 -11.16 -29.68
C GLY A 38 15.99 -10.08 -29.50
N SER A 39 15.89 -9.04 -30.32
CA SER A 39 16.81 -7.93 -30.28
C SER A 39 16.24 -6.78 -29.43
N ALA A 40 17.13 -6.04 -28.77
CA ALA A 40 16.71 -4.92 -27.95
C ALA A 40 17.86 -3.94 -27.70
N LYS A 41 17.51 -2.67 -27.53
CA LYS A 41 18.49 -1.62 -27.28
C LYS A 41 19.44 -2.04 -26.17
N GLU A 42 18.88 -2.52 -25.07
CA GLU A 42 19.68 -2.96 -23.94
C GLU A 42 19.10 -4.27 -23.42
N THR A 43 19.99 -5.15 -22.95
CA THR A 43 19.58 -6.44 -22.42
C THR A 43 20.23 -6.66 -21.06
N ILE A 44 19.42 -7.04 -20.08
CA ILE A 44 19.94 -7.28 -18.75
C ILE A 44 20.03 -8.79 -18.50
N HIS A 45 21.17 -9.22 -17.99
CA HIS A 45 21.40 -10.64 -17.71
C HIS A 45 21.53 -10.82 -16.21
N LEU A 46 20.42 -11.19 -15.57
CA LEU A 46 20.39 -11.37 -14.13
C LEU A 46 21.23 -12.57 -13.69
N GLU A 47 21.69 -12.53 -12.44
CA GLU A 47 22.48 -13.62 -11.88
C GLU A 47 21.52 -14.75 -11.55
N PRO A 48 21.99 -16.00 -11.70
CA PRO A 48 21.12 -17.15 -11.39
C PRO A 48 20.62 -17.06 -9.95
N GLY A 49 19.33 -17.32 -9.76
CA GLY A 49 18.76 -17.27 -8.43
C GLY A 49 18.12 -15.94 -8.11
N THR A 50 18.11 -15.03 -9.08
CA THR A 50 17.50 -13.72 -8.88
C THR A 50 16.00 -13.79 -9.21
N TYR A 51 15.19 -13.18 -8.35
CA TYR A 51 13.75 -13.19 -8.55
C TYR A 51 13.28 -11.92 -9.25
N VAL A 52 12.12 -12.01 -9.88
CA VAL A 52 11.52 -10.90 -10.59
C VAL A 52 10.00 -10.96 -10.39
N SER A 53 9.38 -9.81 -10.20
CA SER A 53 7.94 -9.76 -10.02
C SER A 53 7.45 -8.45 -10.60
N ALA A 54 6.14 -8.23 -10.52
CA ALA A 54 5.57 -6.99 -11.01
C ALA A 54 6.13 -5.94 -10.05
N GLY A 55 6.23 -4.69 -10.49
CA GLY A 55 6.75 -3.66 -9.60
C GLY A 55 5.95 -3.62 -8.31
N TRP A 56 6.63 -3.64 -7.17
CA TRP A 56 5.94 -3.62 -5.90
C TRP A 56 5.16 -2.32 -5.74
N ILE A 57 4.00 -2.42 -5.08
CA ILE A 57 3.12 -1.28 -4.86
C ILE A 57 2.75 -1.13 -3.38
N ASP A 58 3.01 0.06 -2.83
CA ASP A 58 2.68 0.35 -1.43
C ASP A 58 1.45 1.24 -1.43
N ASP A 59 0.27 0.68 -1.18
CA ASP A 59 -0.95 1.48 -1.23
C ASP A 59 -1.32 2.30 0.01
N HIS A 60 -0.38 2.48 0.93
CA HIS A 60 -0.65 3.32 2.08
C HIS A 60 0.65 4.01 2.42
N VAL A 61 0.79 5.24 1.94
CA VAL A 61 1.99 6.03 2.11
C VAL A 61 1.69 7.50 2.39
N HIS A 62 2.70 8.24 2.84
CA HIS A 62 2.58 9.66 3.10
C HIS A 62 3.84 10.30 2.52
N CYS A 63 3.72 10.82 1.31
CA CYS A 63 4.86 11.40 0.63
C CYS A 63 4.71 12.80 0.03
N PHE A 64 3.87 13.64 0.64
CA PHE A 64 3.73 15.02 0.19
C PHE A 64 4.83 15.70 0.98
N GLU A 65 5.98 15.94 0.35
CA GLU A 65 7.13 16.53 1.03
C GLU A 65 6.96 17.90 1.70
N LYS A 66 5.91 18.63 1.33
CA LYS A 66 5.69 19.95 1.92
C LYS A 66 4.79 19.96 3.16
N ALA A 68 3.56 19.37 7.00
CA ALA A 68 4.17 19.58 8.31
C ALA A 68 5.06 18.48 8.86
N LEU A 69 4.47 17.57 9.63
CA LEU A 69 5.24 16.50 10.23
C LEU A 69 5.10 15.18 9.47
N TYR A 70 3.85 14.90 9.08
CA TYR A 70 3.49 13.69 8.36
C TYR A 70 3.90 13.82 6.88
N TYR A 71 5.15 13.48 6.56
CA TYR A 71 5.63 13.59 5.18
C TYR A 71 6.86 12.73 4.91
N ASP A 72 7.27 12.71 3.64
CA ASP A 72 8.48 12.00 3.22
C ASP A 72 8.75 12.33 1.76
N TYR A 73 9.85 11.82 1.24
CA TYR A 73 10.21 12.08 -0.16
C TYR A 73 9.94 10.83 -0.98
N PRO A 74 9.03 10.94 -1.96
CA PRO A 74 8.62 9.87 -2.86
C PRO A 74 9.67 8.84 -3.24
N ASP A 75 10.80 9.28 -3.76
CA ASP A 75 11.81 8.32 -4.18
C ASP A 75 12.56 7.62 -3.04
N GLU A 76 12.47 8.14 -1.83
CA GLU A 76 13.13 7.49 -0.69
C GLU A 76 12.31 6.30 -0.20
N ILE A 77 11.01 6.32 -0.47
CA ILE A 77 10.13 5.23 -0.04
C ILE A 77 9.69 4.43 -1.27
N GLY A 78 10.04 4.93 -2.45
CA GLY A 78 9.64 4.27 -3.67
C GLY A 78 10.77 3.55 -4.39
N VAL A 79 11.14 4.08 -5.54
CA VAL A 79 12.18 3.49 -6.37
C VAL A 79 13.39 2.99 -5.59
N LYS A 80 13.86 3.77 -4.62
CA LYS A 80 15.04 3.35 -3.86
C LYS A 80 14.80 2.15 -2.94
N LYS A 81 13.55 1.72 -2.81
CA LYS A 81 13.23 0.57 -1.96
C LYS A 81 12.56 -0.53 -2.77
N GLY A 82 12.72 -0.45 -4.09
CA GLY A 82 12.15 -1.44 -4.97
C GLY A 82 10.66 -1.29 -5.19
N VAL A 83 10.10 -0.17 -4.73
CA VAL A 83 8.67 0.08 -4.89
C VAL A 83 8.46 1.01 -6.09
N THR A 84 7.82 0.48 -7.13
CA THR A 84 7.59 1.24 -8.35
C THR A 84 6.42 2.22 -8.29
N THR A 85 5.42 1.93 -7.45
CA THR A 85 4.24 2.78 -7.31
C THR A 85 3.85 2.95 -5.84
N VAL A 86 3.45 4.16 -5.48
CA VAL A 86 3.00 4.43 -4.11
C VAL A 86 1.72 5.24 -4.16
N ILE A 87 0.88 5.05 -3.16
CA ILE A 87 -0.37 5.77 -3.08
C ILE A 87 -0.39 6.50 -1.75
N ASP A 88 -0.39 7.83 -1.81
CA ASP A 88 -0.44 8.64 -0.61
C ASP A 88 -1.84 8.53 -0.01
N ALA A 89 -1.92 8.11 1.25
CA ALA A 89 -3.21 7.91 1.91
C ALA A 89 -3.92 9.13 2.49
N GLY A 90 -4.31 10.06 1.61
CA GLY A 90 -5.03 11.23 2.06
C GLY A 90 -4.28 12.30 2.82
N THR A 91 -3.00 12.47 2.55
CA THR A 91 -2.24 13.50 3.24
C THR A 91 -2.85 14.85 2.88
N THR A 92 -3.34 14.97 1.66
CA THR A 92 -3.93 16.21 1.17
C THR A 92 -5.41 16.11 0.88
N GLY A 93 -6.06 17.26 0.94
CA GLY A 93 -7.48 17.35 0.64
C GLY A 93 -7.58 18.12 -0.66
N ALA A 94 -8.80 18.40 -1.10
CA ALA A 94 -9.00 19.12 -2.36
C ALA A 94 -8.27 20.46 -2.42
N GLU A 95 -8.08 21.10 -1.27
CA GLU A 95 -7.42 22.40 -1.22
C GLU A 95 -5.90 22.41 -1.40
N ASN A 96 -5.26 21.26 -1.24
CA ASN A 96 -3.80 21.21 -1.39
C ASN A 96 -3.27 20.06 -2.23
N ILE A 97 -4.16 19.25 -2.79
CA ILE A 97 -3.74 18.12 -3.60
C ILE A 97 -3.00 18.53 -4.89
N HIS A 98 -3.34 19.71 -5.42
CA HIS A 98 -2.69 20.20 -6.63
C HIS A 98 -1.22 20.50 -6.39
N GLU A 99 -0.92 21.13 -5.25
CA GLU A 99 0.46 21.44 -4.93
C GLU A 99 1.23 20.14 -4.78
N PHE A 100 0.56 19.11 -4.25
CA PHE A 100 1.16 17.80 -4.07
C PHE A 100 1.35 17.14 -5.43
N TYR A 101 0.33 17.23 -6.27
CA TYR A 101 0.37 16.65 -7.60
C TYR A 101 1.54 17.14 -8.44
N ASP A 102 1.80 18.45 -8.40
CA ASP A 102 2.89 19.03 -9.17
C ASP A 102 4.24 18.46 -8.76
N LEU A 103 4.46 18.30 -7.46
CA LEU A 103 5.72 17.75 -6.97
C LEU A 103 5.79 16.28 -7.30
N ALA A 104 4.67 15.58 -7.18
CA ALA A 104 4.59 14.15 -7.45
C ALA A 104 5.02 13.75 -8.86
N GLN A 105 4.97 14.70 -9.80
CA GLN A 105 5.34 14.40 -11.17
C GLN A 105 6.85 14.29 -11.40
N GLN A 106 7.64 15.03 -10.63
CA GLN A 106 9.08 15.01 -10.79
C GLN A 106 9.75 13.77 -10.17
N ALA A 107 8.97 12.94 -9.50
CA ALA A 107 9.51 11.74 -8.86
C ALA A 107 9.68 10.62 -9.87
N LYS A 108 10.70 9.80 -9.66
CA LYS A 108 10.95 8.67 -10.56
C LYS A 108 9.85 7.65 -10.31
N THR A 109 9.47 7.53 -9.05
CA THR A 109 8.43 6.60 -8.63
C THR A 109 7.07 7.07 -9.13
N ASN A 110 6.19 6.13 -9.44
CA ASN A 110 4.85 6.52 -9.87
C ASN A 110 4.13 6.86 -8.57
N VAL A 111 3.50 8.02 -8.51
CA VAL A 111 2.81 8.46 -7.32
C VAL A 111 1.35 8.76 -7.57
N PHE A 112 0.48 8.05 -6.85
CA PHE A 112 -0.96 8.28 -6.94
C PHE A 112 -1.37 8.71 -5.55
N GLY A 113 -2.63 9.14 -5.41
CA GLY A 113 -3.06 9.56 -4.10
C GLY A 113 -4.55 9.44 -3.87
N LEU A 114 -4.91 9.37 -2.60
CA LEU A 114 -6.30 9.32 -2.17
C LEU A 114 -6.55 10.73 -1.65
N VAL A 115 -7.70 11.29 -1.97
CA VAL A 115 -8.01 12.63 -1.49
C VAL A 115 -8.74 12.50 -0.17
N ASN A 116 -8.26 13.23 0.83
CA ASN A 116 -8.88 13.20 2.16
C ASN A 116 -10.23 13.88 2.01
N ILE A 117 -11.26 13.34 2.66
CA ILE A 117 -12.58 13.96 2.55
C ILE A 117 -12.59 15.34 3.20
N SER A 118 -11.57 15.63 4.01
CA SER A 118 -11.43 16.93 4.66
C SER A 118 -10.54 17.77 3.74
N LYS A 119 -11.08 18.87 3.20
CA LYS A 119 -10.37 19.72 2.25
C LYS A 119 -8.89 20.08 2.49
N TRP A 120 -8.44 20.12 3.74
CA TRP A 120 -7.03 20.46 3.97
C TRP A 120 -6.19 19.24 4.32
N GLY A 121 -6.76 18.05 4.16
CA GLY A 121 -6.01 16.84 4.47
C GLY A 121 -5.70 16.73 5.96
N ILE A 122 -4.52 16.21 6.27
CA ILE A 122 -4.10 16.02 7.64
C ILE A 122 -3.29 17.17 8.23
N VAL A 123 -3.57 18.40 7.80
CA VAL A 123 -2.84 19.56 8.31
C VAL A 123 -2.79 19.50 9.84
N ALA A 124 -3.96 19.42 10.46
CA ALA A 124 -4.03 19.31 11.91
C ALA A 124 -4.10 17.81 12.20
N GLN A 125 -4.33 17.45 13.45
CA GLN A 125 -4.40 16.04 13.81
C GLN A 125 -5.86 15.58 13.79
N ASP A 126 -6.78 16.52 13.96
CA ASP A 126 -8.21 16.23 13.99
C ASP A 126 -8.96 16.88 12.85
N GLU A 127 -8.59 16.54 11.61
CA GLU A 127 -9.24 17.14 10.46
C GLU A 127 -10.69 16.74 10.22
N LEU A 128 -11.25 15.89 11.08
CA LEU A 128 -12.65 15.50 10.95
C LEU A 128 -13.46 16.01 12.14
N ALA A 129 -12.81 16.78 13.01
CA ALA A 129 -13.45 17.35 14.18
C ALA A 129 -14.37 18.52 13.78
N ASP A 130 -14.00 19.19 12.68
CA ASP A 130 -14.80 20.30 12.15
C ASP A 130 -15.40 19.83 10.83
N LEU A 131 -16.69 19.50 10.85
CA LEU A 131 -17.38 19.00 9.66
C LEU A 131 -17.46 19.95 8.46
N SER A 132 -17.33 21.24 8.68
CA SER A 132 -17.40 22.19 7.56
C SER A 132 -16.26 21.93 6.58
N LYS A 133 -15.17 21.34 7.09
CA LYS A 133 -14.01 21.04 6.26
C LYS A 133 -14.28 19.91 5.29
N VAL A 134 -15.33 19.14 5.58
CA VAL A 134 -15.70 17.99 4.74
C VAL A 134 -16.76 18.38 3.72
N GLN A 135 -16.33 18.97 2.61
CA GLN A 135 -17.26 19.38 1.55
C GLN A 135 -17.24 18.38 0.40
N ALA A 136 -18.36 17.71 0.19
CA ALA A 136 -18.48 16.73 -0.88
C ALA A 136 -18.12 17.35 -2.23
N SER A 137 -18.59 18.56 -2.46
CA SER A 137 -18.33 19.27 -3.71
C SER A 137 -16.85 19.41 -4.01
N LEU A 138 -16.08 19.82 -3.00
CA LEU A 138 -14.65 20.01 -3.20
C LEU A 138 -13.96 18.71 -3.57
N VAL A 139 -14.42 17.59 -3.00
CA VAL A 139 -13.81 16.30 -3.29
C VAL A 139 -14.11 15.91 -4.73
N LYS A 140 -15.36 16.09 -5.14
CA LYS A 140 -15.79 15.77 -6.50
C LYS A 140 -14.94 16.53 -7.52
N LYS A 141 -14.71 17.81 -7.24
CA LYS A 141 -13.92 18.65 -8.15
C LYS A 141 -12.50 18.13 -8.29
N ALA A 142 -11.91 17.66 -7.18
CA ALA A 142 -10.56 17.15 -7.24
C ALA A 142 -10.52 15.90 -8.12
N ILE A 143 -11.48 15.02 -7.91
CA ILE A 143 -11.57 13.78 -8.67
C ILE A 143 -11.72 14.03 -10.16
N GLN A 144 -12.47 15.08 -10.52
CA GLN A 144 -12.67 15.40 -11.93
C GLN A 144 -11.49 16.19 -12.48
N GLU A 145 -10.74 16.83 -11.59
CA GLU A 145 -9.58 17.64 -11.98
C GLU A 145 -8.30 16.84 -12.19
N LEU A 146 -8.12 15.76 -11.43
CA LEU A 146 -6.92 14.94 -11.56
C LEU A 146 -7.24 13.45 -11.61
N PRO A 147 -7.87 12.98 -12.71
CA PRO A 147 -8.23 11.58 -12.87
C PRO A 147 -7.00 10.67 -12.95
N ASP A 148 -5.90 11.22 -13.45
CA ASP A 148 -4.66 10.47 -13.59
C ASP A 148 -3.87 10.41 -12.29
N PHE A 149 -4.41 10.99 -11.22
CA PHE A 149 -3.69 11.02 -9.96
C PHE A 149 -4.51 10.51 -8.78
N VAL A 150 -5.75 10.96 -8.69
CA VAL A 150 -6.66 10.59 -7.61
C VAL A 150 -7.28 9.22 -7.86
N VAL A 151 -6.94 8.24 -7.03
CA VAL A 151 -7.49 6.89 -7.22
C VAL A 151 -8.46 6.48 -6.12
N GLY A 152 -8.80 7.41 -5.24
CA GLY A 152 -9.72 7.10 -4.17
C GLY A 152 -9.81 8.22 -3.16
N ILE A 153 -10.47 7.98 -1.90
CA ILE A 153 -10.60 8.96 -0.85
C ILE A 153 -10.19 8.31 0.48
N ALA A 155 -10.50 8.32 4.78
CA ALA A 155 -11.28 8.70 5.95
C ALA A 155 -10.62 8.06 7.16
N ARG A 156 -10.06 8.89 8.05
CA ARG A 156 -9.40 8.38 9.24
C ARG A 156 -10.37 8.33 10.41
N SER A 158 -10.91 7.48 13.75
CA SER A 158 -10.43 7.16 15.08
C SER A 158 -10.50 8.38 16.01
N ARG A 159 -10.56 8.09 17.30
CA ARG A 159 -10.67 9.08 18.37
C ARG A 159 -10.05 10.47 18.18
N THR A 160 -8.74 10.51 17.99
CA THR A 160 -8.04 11.79 17.85
C THR A 160 -8.34 12.53 16.55
N VAL A 161 -9.07 11.90 15.63
CA VAL A 161 -9.37 12.53 14.37
C VAL A 161 -10.76 13.15 14.29
N ILE A 162 -11.76 12.44 14.79
CA ILE A 162 -13.15 12.86 14.72
C ILE A 162 -13.75 13.75 15.79
N GLY A 163 -13.00 14.05 16.83
CA GLY A 163 -13.56 14.89 17.89
C GLY A 163 -14.87 14.32 18.40
N ASP A 164 -15.96 15.07 18.26
CA ASP A 164 -17.27 14.61 18.72
C ASP A 164 -18.20 14.23 17.58
N ASN A 165 -17.69 14.19 16.36
CA ASN A 165 -18.51 13.88 15.20
C ASN A 165 -18.85 12.39 14.99
N GLY A 166 -18.41 11.54 15.93
CA GLY A 166 -18.70 10.12 15.85
C GLY A 166 -18.50 9.42 14.52
N ILE A 167 -19.54 8.70 14.07
CA ILE A 167 -19.50 7.94 12.82
C ILE A 167 -19.91 8.77 11.61
N THR A 168 -20.47 9.95 11.86
CA THR A 168 -20.93 10.83 10.80
C THR A 168 -19.95 11.05 9.64
N PRO A 169 -18.65 11.20 9.93
CA PRO A 169 -17.68 11.40 8.84
C PRO A 169 -17.64 10.25 7.85
N LEU A 170 -17.83 9.03 8.34
CA LEU A 170 -17.80 7.86 7.47
C LEU A 170 -19.03 7.85 6.56
N GLU A 171 -20.19 8.23 7.11
CA GLU A 171 -21.41 8.26 6.30
C GLU A 171 -21.20 9.22 5.15
N LEU A 172 -20.57 10.36 5.45
CA LEU A 172 -20.28 11.37 4.44
C LEU A 172 -19.32 10.77 3.41
N ALA A 173 -18.38 9.95 3.89
CA ALA A 173 -17.41 9.31 3.00
C ALA A 173 -18.14 8.39 2.03
N LYS A 174 -19.07 7.60 2.55
CA LYS A 174 -19.82 6.68 1.70
C LYS A 174 -20.69 7.45 0.68
N GLN A 175 -21.22 8.60 1.09
CA GLN A 175 -22.04 9.42 0.22
C GLN A 175 -21.18 9.96 -0.92
N ILE A 176 -20.01 10.49 -0.55
CA ILE A 176 -19.06 11.03 -1.51
C ILE A 176 -18.64 9.94 -2.50
N GLN A 177 -18.57 8.70 -2.01
CA GLN A 177 -18.19 7.57 -2.85
C GLN A 177 -19.30 7.34 -3.87
N GLN A 178 -20.53 7.41 -3.39
CA GLN A 178 -21.71 7.23 -4.22
C GLN A 178 -21.74 8.30 -5.32
N GLU A 179 -21.36 9.52 -4.95
CA GLU A 179 -21.37 10.65 -5.88
C GLU A 179 -20.23 10.64 -6.90
N ASN A 180 -19.26 9.75 -6.74
CA ASN A 180 -18.14 9.69 -7.65
C ASN A 180 -17.85 8.31 -8.24
N GLN A 181 -18.88 7.70 -8.82
CA GLN A 181 -18.76 6.40 -9.47
C GLN A 181 -18.17 5.29 -8.60
N GLU A 182 -18.55 5.27 -7.33
CA GLU A 182 -18.05 4.25 -6.41
C GLU A 182 -16.53 4.21 -6.33
N ILE A 183 -15.91 5.39 -6.35
CA ILE A 183 -14.47 5.46 -6.27
C ILE A 183 -14.01 4.74 -4.99
N PRO A 184 -12.85 4.09 -5.02
CA PRO A 184 -12.35 3.37 -3.84
C PRO A 184 -12.22 4.23 -2.59
N LEU A 185 -12.57 3.64 -1.46
CA LEU A 185 -12.51 4.31 -0.17
C LEU A 185 -11.60 3.55 0.78
N VAL A 187 -10.37 3.20 4.71
CA VAL A 187 -10.77 3.57 6.06
C VAL A 187 -9.72 3.23 7.09
N HIS A 188 -9.29 4.24 7.83
CA HIS A 188 -8.31 4.08 8.87
C HIS A 188 -9.07 3.86 10.17
N ILE A 189 -8.59 2.91 10.98
CA ILE A 189 -9.21 2.64 12.26
C ILE A 189 -8.14 2.74 13.34
N GLY A 190 -8.56 3.06 14.55
CA GLY A 190 -7.65 3.18 15.65
C GLY A 190 -8.45 3.02 16.92
N SER A 191 -8.23 3.93 17.87
CA SER A 191 -8.95 3.90 19.14
C SER A 191 -10.38 4.35 18.92
N ALA A 192 -11.27 3.94 19.82
CA ALA A 192 -12.67 4.34 19.73
C ALA A 192 -12.78 5.70 20.42
N PRO A 193 -13.76 6.52 20.02
CA PRO A 193 -14.77 6.27 18.99
C PRO A 193 -14.26 6.54 17.59
N PRO A 194 -14.93 5.98 16.58
CA PRO A 194 -16.12 5.14 16.77
C PRO A 194 -15.71 3.72 17.11
N HIS A 195 -16.68 2.90 17.49
CA HIS A 195 -16.41 1.51 17.81
C HIS A 195 -16.26 0.77 16.48
N LEU A 196 -15.35 -0.19 16.44
CA LEU A 196 -15.08 -0.93 15.21
C LEU A 196 -16.32 -1.51 14.53
N ASP A 197 -17.19 -2.13 15.31
CA ASP A 197 -18.40 -2.73 14.76
C ASP A 197 -19.27 -1.73 14.00
N GLU A 198 -19.30 -0.51 14.49
CA GLU A 198 -20.09 0.55 13.86
C GLU A 198 -19.44 0.94 12.54
N ILE A 199 -18.11 0.90 12.50
CA ILE A 199 -17.36 1.23 11.30
C ILE A 199 -17.48 0.14 10.25
N LEU A 200 -17.25 -1.10 10.68
CA LEU A 200 -17.32 -2.25 9.78
C LEU A 200 -18.72 -2.43 9.20
N ALA A 201 -19.72 -2.06 10.00
CA ALA A 201 -21.11 -2.19 9.57
C ALA A 201 -21.44 -1.32 8.35
N LEU A 202 -20.79 -0.17 8.25
CA LEU A 202 -21.05 0.74 7.14
C LEU A 202 -20.20 0.47 5.89
N GLU A 204 -18.48 -1.73 2.81
CA GLU A 204 -18.93 -2.77 1.89
C GLU A 204 -17.75 -3.41 1.16
N LYS A 205 -18.03 -4.50 0.46
CA LYS A 205 -17.00 -5.19 -0.31
C LYS A 205 -16.32 -4.14 -1.18
N GLY A 206 -14.99 -4.17 -1.21
CA GLY A 206 -14.27 -3.20 -2.02
C GLY A 206 -13.70 -2.07 -1.20
N ASP A 207 -14.33 -1.76 -0.07
CA ASP A 207 -13.83 -0.71 0.81
C ASP A 207 -12.59 -1.27 1.47
N VAL A 208 -11.54 -0.46 1.56
CA VAL A 208 -10.29 -0.90 2.14
C VAL A 208 -10.15 -0.50 3.60
N LEU A 209 -9.98 -1.51 4.45
CA LEU A 209 -9.80 -1.30 5.89
C LEU A 209 -8.30 -1.33 6.16
N THR A 210 -7.68 -0.18 6.40
CA THR A 210 -6.24 -0.18 6.66
C THR A 210 -5.98 -0.24 8.18
N HIS A 211 -4.76 -0.62 8.56
CA HIS A 211 -4.39 -0.80 9.97
C HIS A 211 -5.15 -2.01 10.51
N CYS A 212 -5.50 -2.93 9.62
CA CYS A 212 -6.29 -4.10 9.98
C CYS A 212 -5.80 -4.93 11.17
N PHE A 213 -4.49 -5.05 11.36
CA PHE A 213 -3.98 -5.83 12.47
C PHE A 213 -3.39 -4.97 13.59
N ASN A 214 -4.01 -3.83 13.88
CA ASN A 214 -3.50 -2.99 14.96
C ASN A 214 -3.85 -3.68 16.29
N GLY A 215 -3.05 -3.42 17.32
CA GLY A 215 -3.29 -4.06 18.60
C GLY A 215 -4.10 -3.29 19.62
N LYS A 216 -4.76 -2.22 19.20
CA LYS A 216 -5.56 -1.42 20.12
C LYS A 216 -6.79 -2.21 20.58
N GLU A 217 -7.40 -1.76 21.69
CA GLU A 217 -8.59 -2.43 22.23
C GLU A 217 -9.74 -2.42 21.24
N ASN A 218 -9.83 -1.37 20.44
CA ASN A 218 -10.89 -1.22 19.45
C ASN A 218 -10.51 -1.90 18.13
N GLY A 219 -9.48 -2.74 18.18
CA GLY A 219 -9.02 -3.46 17.00
C GLY A 219 -9.83 -4.73 16.78
N ILE A 220 -9.41 -5.58 15.83
CA ILE A 220 -10.15 -6.80 15.53
C ILE A 220 -9.97 -7.98 16.52
N LEU A 221 -8.96 -7.89 17.39
CA LEU A 221 -8.76 -8.96 18.35
C LEU A 221 -9.49 -8.67 19.68
N ASP A 222 -10.20 -9.66 20.19
CA ASP A 222 -10.89 -9.51 21.46
C ASP A 222 -9.84 -9.93 22.49
N GLN A 223 -9.27 -8.94 23.18
CA GLN A 223 -8.24 -9.22 24.16
C GLN A 223 -8.70 -10.11 25.32
N ALA A 224 -10.00 -10.11 25.58
CA ALA A 224 -10.56 -10.90 26.67
C ALA A 224 -10.59 -12.40 26.38
N THR A 225 -10.91 -12.77 25.14
CA THR A 225 -10.99 -14.17 24.76
C THR A 225 -9.81 -14.57 23.87
N ASP A 226 -9.03 -13.58 23.45
CA ASP A 226 -7.88 -13.82 22.60
C ASP A 226 -8.34 -14.42 21.27
N LYS A 227 -9.52 -13.98 20.82
CA LYS A 227 -10.08 -14.45 19.56
C LYS A 227 -10.47 -13.25 18.70
N ILE A 228 -10.53 -13.47 17.39
CA ILE A 228 -10.91 -12.40 16.50
C ILE A 228 -12.41 -12.16 16.63
N LYS A 229 -12.78 -10.91 16.90
CA LYS A 229 -14.18 -10.55 17.07
C LYS A 229 -15.01 -11.05 15.88
N ASP A 230 -16.22 -11.52 16.17
CA ASP A 230 -17.11 -12.05 15.13
C ASP A 230 -17.48 -11.08 14.02
N PHE A 231 -17.79 -9.85 14.38
CA PHE A 231 -18.17 -8.86 13.39
C PHE A 231 -17.01 -8.51 12.48
N ALA A 232 -15.78 -8.73 12.95
CA ALA A 232 -14.60 -8.46 12.15
C ALA A 232 -14.55 -9.55 11.07
N TRP A 233 -14.86 -10.79 11.46
CA TRP A 233 -14.88 -11.91 10.52
C TRP A 233 -15.99 -11.66 9.50
N GLN A 234 -17.10 -11.12 9.97
CA GLN A 234 -18.24 -10.84 9.10
C GLN A 234 -17.85 -9.85 8.01
N ALA A 235 -17.22 -8.75 8.40
CA ALA A 235 -16.80 -7.74 7.43
C ALA A 235 -15.81 -8.38 6.47
N TYR A 236 -14.89 -9.17 7.02
CA TYR A 236 -13.88 -9.86 6.22
C TYR A 236 -14.58 -10.80 5.23
N ASN A 237 -15.48 -11.62 5.75
CA ASN A 237 -16.21 -12.58 4.94
C ASN A 237 -17.03 -11.90 3.82
N LYS A 238 -17.50 -10.67 4.06
CA LYS A 238 -18.30 -9.98 3.05
C LYS A 238 -17.48 -9.22 2.00
N GLY A 239 -16.16 -9.29 2.09
CA GLY A 239 -15.36 -8.63 1.07
C GLY A 239 -14.65 -7.33 1.44
N VAL A 240 -14.70 -6.91 2.70
CA VAL A 240 -13.99 -5.70 3.08
C VAL A 240 -12.51 -6.05 2.98
N VAL A 241 -11.75 -5.24 2.23
CA VAL A 241 -10.32 -5.50 2.02
C VAL A 241 -9.43 -5.08 3.21
N PHE A 242 -8.81 -6.06 3.85
CA PHE A 242 -7.93 -5.81 4.98
C PHE A 242 -6.53 -5.41 4.51
N ASP A 243 -6.15 -4.17 4.82
CA ASP A 243 -4.85 -3.63 4.41
C ASP A 243 -4.01 -3.42 5.69
N ILE A 244 -2.76 -3.83 5.65
CA ILE A 244 -1.86 -3.71 6.81
C ILE A 244 -1.61 -2.28 7.31
N GLY A 245 -1.10 -1.40 6.46
CA GLY A 245 -0.82 -0.03 6.89
C GLY A 245 -0.06 -0.01 8.21
N HIS A 246 1.05 -0.76 8.27
CA HIS A 246 1.85 -0.90 9.49
C HIS A 246 1.92 0.33 10.38
N GLY A 247 2.54 1.39 9.87
CA GLY A 247 2.63 2.62 10.64
C GLY A 247 3.35 2.53 11.97
N THR A 248 3.44 3.66 12.65
CA THR A 248 4.11 3.74 13.92
C THR A 248 3.36 2.98 15.01
N ASP A 249 2.02 2.94 14.93
CA ASP A 249 1.25 2.25 15.95
C ASP A 249 0.12 1.36 15.44
N SER A 250 0.18 0.91 14.20
CA SER A 250 -0.92 0.11 13.69
C SER A 250 -0.71 -1.35 13.34
N PHE A 251 0.43 -1.94 13.69
CA PHE A 251 0.66 -3.35 13.41
C PHE A 251 1.14 -4.11 14.62
N ASN A 252 0.41 -5.14 14.99
CA ASN A 252 0.72 -5.97 16.16
C ASN A 252 0.91 -7.42 15.73
N PHE A 253 2.10 -7.97 16.01
CA PHE A 253 2.42 -9.36 15.66
C PHE A 253 1.40 -10.35 16.21
N HIS A 254 1.07 -10.22 17.48
CA HIS A 254 0.12 -11.14 18.10
C HIS A 254 -1.21 -11.17 17.35
N VAL A 255 -1.68 -10.00 16.95
CA VAL A 255 -2.95 -9.91 16.23
C VAL A 255 -2.89 -10.63 14.87
N ALA A 256 -1.81 -10.38 14.13
CA ALA A 256 -1.60 -10.99 12.82
C ALA A 256 -1.45 -12.51 12.94
N GLU A 257 -0.74 -12.94 13.98
CA GLU A 257 -0.51 -14.36 14.20
C GLU A 257 -1.82 -15.02 14.60
N THR A 258 -2.58 -14.37 15.48
CA THR A 258 -3.85 -14.94 15.91
C THR A 258 -4.77 -15.06 14.71
N ALA A 259 -4.83 -14.02 13.89
CA ALA A 259 -5.67 -14.03 12.71
C ALA A 259 -5.30 -15.20 11.79
N LEU A 260 -4.00 -15.39 11.55
CA LEU A 260 -3.55 -16.48 10.68
C LEU A 260 -4.00 -17.83 11.23
N ARG A 261 -3.83 -18.05 12.53
CA ARG A 261 -4.24 -19.30 13.14
C ARG A 261 -5.73 -19.57 12.93
N GLU A 262 -6.52 -18.50 12.79
CA GLU A 262 -7.95 -18.63 12.55
C GLU A 262 -8.23 -18.68 11.05
N GLY A 263 -7.17 -18.60 10.25
CA GLY A 263 -7.34 -18.67 8.82
C GLY A 263 -7.56 -17.34 8.13
N LYS A 265 -6.05 -13.76 6.65
CA LYS A 265 -4.86 -13.11 6.11
C LYS A 265 -5.21 -11.74 5.53
N ALA A 266 -4.26 -10.81 5.58
CA ALA A 266 -4.49 -9.49 5.03
C ALA A 266 -4.51 -9.62 3.51
N ALA A 267 -5.34 -8.81 2.85
CA ALA A 267 -5.46 -8.85 1.40
C ALA A 267 -4.27 -8.12 0.77
N SER A 268 -3.81 -7.08 1.44
CA SER A 268 -2.68 -6.30 0.94
C SER A 268 -1.77 -5.83 2.07
N ILE A 269 -0.49 -5.75 1.76
CA ILE A 269 0.52 -5.33 2.70
C ILE A 269 1.01 -3.93 2.36
N SER A 270 0.94 -3.04 3.33
CA SER A 270 1.37 -1.65 3.14
C SER A 270 2.11 -1.17 4.40
N THR A 271 2.80 -0.06 4.28
CA THR A 271 3.62 0.48 5.37
C THR A 271 3.12 1.62 6.24
N ASP A 272 2.28 2.49 5.67
CA ASP A 272 1.84 3.69 6.37
C ASP A 272 3.13 4.38 6.83
N ILE A 273 4.07 4.42 5.90
CA ILE A 273 5.39 4.99 6.14
C ILE A 273 5.46 6.50 5.92
N TYR A 274 6.33 7.15 6.68
CA TYR A 274 6.59 8.58 6.53
C TYR A 274 8.00 8.71 7.12
N ILE A 275 8.68 9.82 6.82
CA ILE A 275 10.07 9.97 7.24
C ILE A 275 10.45 9.51 8.65
N ARG A 276 9.63 9.81 9.65
CA ARG A 276 9.94 9.42 11.02
C ARG A 276 9.99 7.92 11.30
N ASN A 277 8.96 7.18 10.90
CA ASN A 277 8.99 5.74 11.16
C ASN A 277 9.88 5.00 10.16
N ARG A 278 10.29 5.69 9.09
CA ARG A 278 11.18 5.08 8.11
C ARG A 278 12.62 5.17 8.59
N GLU A 279 12.99 6.36 9.07
CA GLU A 279 14.35 6.59 9.55
C GLU A 279 14.63 5.91 10.88
N ASN A 280 13.68 6.02 11.81
CA ASN A 280 13.87 5.45 13.14
C ASN A 280 13.09 4.18 13.43
N GLY A 281 12.37 3.66 12.44
CA GLY A 281 11.59 2.45 12.66
C GLY A 281 10.27 2.83 13.33
N PRO A 282 9.39 1.88 13.64
CA PRO A 282 9.46 0.42 13.44
C PRO A 282 9.27 -0.07 12.00
N VAL A 283 8.74 0.79 11.13
CA VAL A 283 8.56 0.41 9.73
C VAL A 283 9.66 1.11 8.94
N TYR A 284 10.63 0.35 8.47
CA TYR A 284 11.73 0.97 7.74
C TYR A 284 11.48 1.07 6.24
N ASP A 285 10.77 0.08 5.70
CA ASP A 285 10.45 0.03 4.28
C ASP A 285 9.45 -1.10 4.02
N LEU A 286 9.03 -1.26 2.77
CA LEU A 286 8.06 -2.31 2.44
C LEU A 286 8.66 -3.69 2.65
N ALA A 287 9.88 -3.89 2.17
CA ALA A 287 10.59 -5.16 2.32
C ALA A 287 10.55 -5.66 3.77
N THR A 288 10.80 -4.75 4.71
CA THR A 288 10.79 -5.07 6.13
C THR A 288 9.40 -5.47 6.61
N THR A 289 8.39 -4.83 6.04
CA THR A 289 7.01 -5.13 6.40
C THR A 289 6.67 -6.51 5.84
N GLU A 291 8.78 -8.93 5.35
CA GLU A 291 9.50 -9.93 6.15
C GLU A 291 8.74 -10.18 7.46
N LYS A 292 7.95 -9.20 7.90
CA LYS A 292 7.19 -9.39 9.13
C LYS A 292 6.03 -10.37 8.91
N LEU A 293 5.37 -10.27 7.77
CA LEU A 293 4.29 -11.22 7.50
C LEU A 293 4.86 -12.58 7.14
N ARG A 294 6.13 -12.60 6.75
CA ARG A 294 6.78 -13.85 6.42
C ARG A 294 7.00 -14.58 7.73
N VAL A 295 7.49 -13.85 8.73
CA VAL A 295 7.77 -14.45 10.03
C VAL A 295 6.46 -14.82 10.72
N VAL A 296 5.39 -14.09 10.41
CA VAL A 296 4.07 -14.38 10.97
C VAL A 296 3.61 -15.75 10.45
N GLY A 297 3.93 -16.06 9.20
CA GLY A 297 3.52 -17.33 8.64
C GLY A 297 3.17 -17.35 7.17
N TYR A 298 2.97 -16.18 6.55
CA TYR A 298 2.63 -16.12 5.12
C TYR A 298 3.82 -16.67 4.32
N ASP A 299 3.57 -17.19 3.12
CA ASP A 299 4.68 -17.67 2.27
C ASP A 299 5.00 -16.57 1.26
N TRP A 300 6.23 -16.58 0.75
CA TRP A 300 6.66 -15.53 -0.20
C TRP A 300 5.76 -15.30 -1.41
N PRO A 301 5.25 -16.38 -2.04
CA PRO A 301 4.38 -16.17 -3.20
C PRO A 301 3.16 -15.30 -2.89
N GLU A 302 2.46 -15.57 -1.80
CA GLU A 302 1.29 -14.76 -1.48
C GLU A 302 1.73 -13.36 -1.03
N ILE A 303 2.88 -13.28 -0.36
CA ILE A 303 3.40 -12.00 0.08
C ILE A 303 3.60 -11.10 -1.15
N ILE A 304 4.25 -11.62 -2.18
CA ILE A 304 4.49 -10.86 -3.41
C ILE A 304 3.17 -10.41 -4.03
N GLU A 305 2.20 -11.31 -4.07
CA GLU A 305 0.91 -10.99 -4.64
C GLU A 305 0.24 -9.87 -3.85
N LYS A 306 0.51 -9.82 -2.55
CA LYS A 306 -0.08 -8.81 -1.68
C LYS A 306 0.55 -7.41 -1.76
N VAL A 307 1.64 -7.28 -2.51
CA VAL A 307 2.29 -5.99 -2.69
C VAL A 307 2.33 -5.65 -4.18
N THR A 308 1.54 -6.40 -4.98
CA THR A 308 1.47 -6.16 -6.42
C THR A 308 0.06 -6.25 -6.98
N LYS A 309 -0.39 -7.46 -7.24
CA LYS A 309 -1.74 -7.68 -7.79
C LYS A 309 -2.87 -7.17 -6.91
N ALA A 310 -2.79 -7.44 -5.61
CA ALA A 310 -3.83 -7.00 -4.69
C ALA A 310 -3.96 -5.47 -4.65
N PRO A 311 -2.90 -4.75 -4.27
CA PRO A 311 -3.03 -3.28 -4.24
C PRO A 311 -3.47 -2.73 -5.60
N ALA A 312 -2.95 -3.31 -6.68
CA ALA A 312 -3.31 -2.88 -8.02
C ALA A 312 -4.82 -3.01 -8.21
N GLU A 313 -5.39 -4.10 -7.70
CA GLU A 313 -6.83 -4.32 -7.79
C GLU A 313 -7.63 -3.45 -6.80
N ASN A 314 -7.10 -3.26 -5.60
CA ASN A 314 -7.80 -2.45 -4.61
C ASN A 314 -8.13 -1.06 -5.14
N PHE A 315 -7.21 -0.48 -5.90
CA PHE A 315 -7.39 0.86 -6.43
C PHE A 315 -7.47 1.00 -7.94
N HIS A 316 -7.84 -0.10 -8.59
CA HIS A 316 -8.02 -0.10 -10.03
C HIS A 316 -6.86 0.42 -10.87
N LEU A 317 -5.64 0.01 -10.51
CA LEU A 317 -4.48 0.39 -11.29
C LEU A 317 -4.43 -0.71 -12.36
N THR A 318 -5.34 -0.59 -13.33
CA THR A 318 -5.50 -1.54 -14.41
C THR A 318 -4.24 -1.83 -15.22
N GLN A 319 -3.35 -0.86 -15.29
CA GLN A 319 -2.12 -1.00 -16.05
C GLN A 319 -0.92 -1.51 -15.24
N LYS A 320 -1.13 -1.82 -13.96
CA LYS A 320 -0.04 -2.30 -13.12
C LYS A 320 -0.39 -3.53 -12.28
N GLY A 321 0.57 -4.04 -11.52
CA GLY A 321 0.29 -5.18 -10.65
C GLY A 321 0.61 -6.57 -11.16
N THR A 322 0.70 -6.75 -12.48
CA THR A 322 0.99 -8.06 -13.05
C THR A 322 1.94 -7.97 -14.25
N LEU A 323 2.56 -9.09 -14.58
CA LEU A 323 3.47 -9.13 -15.71
C LEU A 323 2.72 -9.57 -16.96
N GLU A 324 1.67 -8.83 -17.31
CA GLU A 324 0.86 -9.12 -18.49
C GLU A 324 1.24 -8.23 -19.66
N ILE A 325 1.16 -8.78 -20.87
CA ILE A 325 1.48 -8.04 -22.07
C ILE A 325 0.50 -6.88 -22.18
N GLY A 326 1.00 -5.71 -22.52
CA GLY A 326 0.13 -4.55 -22.64
C GLY A 326 0.18 -3.69 -21.38
N LYS A 327 0.64 -4.30 -20.28
CA LYS A 327 0.74 -3.56 -19.02
C LYS A 327 2.00 -2.73 -18.92
N ASP A 328 1.97 -1.75 -18.01
CA ASP A 328 3.10 -0.86 -17.80
C ASP A 328 4.34 -1.65 -17.41
N ALA A 329 5.49 -1.23 -17.94
CA ALA A 329 6.74 -1.89 -17.65
C ALA A 329 7.34 -1.47 -16.31
N ASP A 330 6.74 -1.95 -15.23
CA ASP A 330 7.21 -1.69 -13.88
C ASP A 330 7.57 -3.06 -13.30
N LEU A 331 8.79 -3.21 -12.84
CA LEU A 331 9.24 -4.49 -12.28
C LEU A 331 10.18 -4.29 -11.11
N THR A 332 10.21 -5.28 -10.23
CA THR A 332 11.10 -5.25 -9.10
C THR A 332 11.91 -6.53 -9.20
N ILE A 333 13.23 -6.37 -9.13
CA ILE A 333 14.16 -7.48 -9.22
C ILE A 333 14.81 -7.58 -7.86
N PHE A 334 14.77 -8.76 -7.26
CA PHE A 334 15.27 -8.93 -5.91
C PHE A 334 15.82 -10.31 -5.60
N THR A 335 16.33 -10.43 -4.36
CA THR A 335 16.87 -11.68 -3.86
C THR A 335 16.19 -11.97 -2.52
N ILE A 336 16.20 -13.23 -2.13
CA ILE A 336 15.63 -13.67 -0.86
C ILE A 336 16.73 -14.52 -0.25
N GLN A 337 17.18 -14.15 0.95
CA GLN A 337 18.26 -14.90 1.58
C GLN A 337 18.04 -15.25 3.04
N ALA A 338 18.60 -16.40 3.43
CA ALA A 338 18.48 -16.87 4.80
C ALA A 338 19.47 -16.13 5.67
N GLU A 339 18.96 -15.29 6.54
CA GLU A 339 19.80 -14.51 7.45
C GLU A 339 18.91 -13.92 8.53
N GLU A 340 19.26 -14.18 9.78
CA GLU A 340 18.47 -13.68 10.90
C GLU A 340 18.44 -12.16 10.94
N LYS A 341 17.33 -11.63 11.45
CA LYS A 341 17.12 -10.19 11.55
C LYS A 341 16.03 -9.96 12.60
N THR A 342 16.23 -8.95 13.43
CA THR A 342 15.25 -8.63 14.46
C THR A 342 14.18 -7.71 13.87
N LEU A 343 12.93 -8.02 14.17
CA LEU A 343 11.81 -7.23 13.66
C LEU A 343 10.95 -6.79 14.82
N THR A 344 10.61 -5.51 14.84
CA THR A 344 9.79 -4.94 15.91
C THR A 344 8.50 -4.37 15.34
N ASP A 345 7.38 -4.64 15.99
CA ASP A 345 6.12 -4.09 15.49
C ASP A 345 5.83 -2.75 16.12
N SER A 346 4.61 -2.26 15.94
CA SER A 346 4.20 -0.96 16.45
C SER A 346 4.04 -0.90 17.96
N ASN A 347 3.93 -2.07 18.59
CA ASN A 347 3.74 -2.12 20.04
C ASN A 347 4.92 -2.72 20.81
N GLY A 348 6.09 -2.78 20.18
CA GLY A 348 7.26 -3.30 20.86
C GLY A 348 7.45 -4.80 20.86
N LEU A 349 6.55 -5.55 20.24
CA LEU A 349 6.71 -7.00 20.18
C LEU A 349 7.84 -7.30 19.21
N THR A 350 8.69 -8.27 19.55
CA THR A 350 9.81 -8.62 18.69
C THR A 350 9.75 -10.05 18.17
N ARG A 351 10.30 -10.24 16.97
CA ARG A 351 10.33 -11.55 16.32
C ARG A 351 11.63 -11.63 15.53
N VAL A 352 12.22 -12.82 15.47
CA VAL A 352 13.46 -12.98 14.73
C VAL A 352 13.17 -13.61 13.37
N ALA A 353 13.37 -12.83 12.31
CA ALA A 353 13.12 -13.32 10.96
C ALA A 353 14.30 -14.17 10.50
N LYS A 354 14.00 -15.20 9.71
CA LYS A 354 15.02 -16.10 9.20
C LYS A 354 15.31 -15.79 7.72
N GLU A 355 14.42 -15.03 7.08
CA GLU A 355 14.58 -14.72 5.67
C GLU A 355 14.41 -13.23 5.37
N GLN A 356 15.29 -12.70 4.51
CA GLN A 356 15.25 -11.30 4.14
C GLN A 356 15.08 -11.12 2.63
N ILE A 357 14.20 -10.19 2.25
CA ILE A 357 13.97 -9.92 0.83
C ILE A 357 14.63 -8.57 0.53
N ARG A 358 15.37 -8.51 -0.58
CA ARG A 358 16.09 -7.29 -0.94
C ARG A 358 16.07 -6.95 -2.43
N PRO A 359 15.54 -5.76 -2.78
CA PRO A 359 15.51 -5.37 -4.19
C PRO A 359 16.91 -4.97 -4.64
N ILE A 360 17.32 -5.40 -5.83
CA ILE A 360 18.64 -5.04 -6.32
C ILE A 360 18.52 -4.17 -7.56
N LYS A 361 17.39 -4.28 -8.24
CA LYS A 361 17.11 -3.49 -9.43
C LYS A 361 15.63 -3.16 -9.47
N THR A 362 15.31 -1.95 -9.92
CA THR A 362 13.93 -1.53 -9.99
C THR A 362 13.70 -0.85 -11.34
N ILE A 363 12.71 -1.35 -12.07
CA ILE A 363 12.39 -0.80 -13.38
C ILE A 363 11.07 -0.08 -13.30
N ILE A 364 11.03 1.14 -13.84
CA ILE A 364 9.84 1.95 -13.82
C ILE A 364 9.58 2.52 -15.22
N GLY A 365 8.41 2.20 -15.76
CA GLY A 365 8.04 2.67 -17.08
C GLY A 365 9.11 2.32 -18.10
N GLY A 366 9.81 1.22 -17.87
CA GLY A 366 10.84 0.80 -18.81
C GLY A 366 12.22 1.32 -18.48
N GLN A 367 12.32 2.24 -17.51
CA GLN A 367 13.61 2.79 -17.11
C GLN A 367 14.19 1.94 -15.99
N ILE A 368 15.50 1.74 -16.02
CA ILE A 368 16.19 0.93 -15.02
C ILE A 368 16.84 1.78 -13.93
N TYR A 369 16.68 1.33 -12.69
CA TYR A 369 17.27 2.01 -11.53
C TYR A 369 17.90 0.93 -10.66
N ASP A 370 19.19 1.10 -10.36
CA ASP A 370 19.92 0.14 -9.55
C ASP A 370 19.66 0.34 -8.06
N ASN A 371 19.44 -0.76 -7.34
CA ASN A 371 19.17 -0.73 -5.90
C ASN A 371 17.77 -0.21 -5.60
#